data_6DXZ
#
_entry.id   6DXZ
#
_cell.length_a   159.143
_cell.length_b   159.143
_cell.length_c   159.143
_cell.angle_alpha   90.00
_cell.angle_beta   90.00
_cell.angle_gamma   90.00
#
_symmetry.space_group_name_H-M   'P 43 3 2'
#
loop_
_entity.id
_entity.type
_entity.pdbx_description
1 polymer 'N-acylethanolamine acid amidase alpha-subunit'
2 polymer 'N-acylethanolamine acid amidase beta-subunit'
3 non-polymer 2-acetamido-2-deoxy-beta-D-glucopyranose
4 non-polymer 'POTASSIUM ION'
5 non-polymer 'FRAGMENT OF TRITON X-100'
6 non-polymer 4-(2,4,4-trimethylpentan-2-yl)phenol
7 non-polymer [2-(ethylsulfonyl)phenyl][(2S)-4-(6-fluoro-1,3-benzothiazol-2-yl)-2-methylpiperazin-1-yl]methanone
8 non-polymer 2-{2-[4-(1,1,3,3-TETRAMETHYLBUTYL)PHENOXY]ETHOXY}ETHANOL
9 water water
#
loop_
_entity_poly.entity_id
_entity_poly.type
_entity_poly.pdbx_seq_one_letter_code
_entity_poly.pdbx_strand_id
1 'polypeptide(L)'
;DRHHHHHHKLSTPGPPLFNVSLDVAPELRWLPVLRHYDVELVRAAVAQVIGDRVPKWVLALIEKGALKLERLLPPPFTAE
IRGMCDFLNLSLADGLLVNLAYEYSAF
;
A
2 'polypeptide(L)'
;CTSIVAQDSRGHVYHGRNLDYPYGSILRKLTVDVQFLKNGQIAFTGTTFIGYVGLWTGQSPHKFTVSGDERDRGWWWENL
VAALFLRHSPISWLLRTTLSEAESFEAAVYRLAKTPLIADVYYIVGGTNPREGVVITRNRDGPADIWPLDPLKGVWFLVE
TNYDHWKPAPEEDDRRTPAIKALNATGQAKLSLETLFQVLSVVPVYNNYTIYTTVMSAASPDKYMTRIRNPS
;
B
#
loop_
_chem_comp.id
_chem_comp.type
_chem_comp.name
_chem_comp.formula
27L non-polymer 4-(2,4,4-trimethylpentan-2-yl)phenol 'C14 H22 O'
K non-polymer 'POTASSIUM ION' 'K 1'
NAG D-saccharide, beta linking 2-acetamido-2-deoxy-beta-D-glucopyranose 'C8 H15 N O6'
TON non-polymer 2-{2-[4-(1,1,3,3-TETRAMETHYLBUTYL)PHENOXY]ETHOXY}ETHANOL 'C18 H30 O3'
TRT non-polymer 'FRAGMENT OF TRITON X-100' 'C21 H36 O4'
WTF non-polymer [2-(ethylsulfonyl)phenyl][(2S)-4-(6-fluoro-1,3-benzothiazol-2-yl)-2-methylpiperazin-1-yl]methanone 'C21 H22 F N3 O3 S2'
#
# COMPACT_ATOMS: atom_id res chain seq x y z
N PRO A 13 7.48 -8.01 -18.35
CA PRO A 13 6.32 -7.25 -18.84
C PRO A 13 5.47 -6.65 -17.72
N GLY A 14 5.87 -6.90 -16.47
CA GLY A 14 5.12 -6.44 -15.33
C GLY A 14 3.90 -7.31 -15.08
N PRO A 15 3.17 -7.03 -14.01
CA PRO A 15 1.96 -7.81 -13.72
C PRO A 15 0.83 -7.44 -14.67
N PRO A 16 -0.27 -8.19 -14.64
CA PRO A 16 -1.42 -7.81 -15.46
C PRO A 16 -1.90 -6.40 -15.14
N LEU A 17 -2.40 -5.71 -16.16
CA LEU A 17 -2.94 -4.36 -16.02
C LEU A 17 -4.44 -4.44 -16.25
N PHE A 18 -5.21 -3.96 -15.28
CA PHE A 18 -6.66 -4.04 -15.33
C PHE A 18 -7.28 -2.67 -15.13
N ASN A 19 -8.49 -2.51 -15.65
CA ASN A 19 -9.31 -1.31 -15.45
C ASN A 19 -10.42 -1.63 -14.45
N VAL A 20 -10.66 -0.69 -13.55
CA VAL A 20 -11.79 -0.76 -12.61
C VAL A 20 -12.52 0.56 -12.66
N SER A 21 -13.79 0.51 -13.05
CA SER A 21 -14.60 1.72 -13.19
C SER A 21 -15.24 2.05 -11.85
N LEU A 22 -14.90 3.21 -11.29
CA LEU A 22 -15.52 3.69 -10.07
C LEU A 22 -16.92 4.25 -10.30
N ASP A 23 -17.39 4.27 -11.54
CA ASP A 23 -18.75 4.67 -11.85
C ASP A 23 -19.73 3.50 -11.83
N VAL A 24 -19.23 2.28 -11.74
CA VAL A 24 -20.03 1.09 -11.50
C VAL A 24 -20.17 0.90 -10.00
N ALA A 25 -21.25 0.25 -9.58
CA ALA A 25 -21.50 0.06 -8.16
C ALA A 25 -20.33 -0.71 -7.52
N PRO A 26 -20.06 -0.47 -6.24
CA PRO A 26 -18.91 -1.13 -5.60
C PRO A 26 -18.94 -2.65 -5.72
N GLU A 27 -20.10 -3.27 -5.56
CA GLU A 27 -20.20 -4.72 -5.61
C GLU A 27 -19.80 -5.27 -6.98
N LEU A 28 -19.93 -4.47 -8.04
CA LEU A 28 -19.75 -4.96 -9.40
C LEU A 28 -18.41 -4.59 -10.02
N ARG A 29 -17.71 -3.58 -9.49
CA ARG A 29 -16.62 -2.98 -10.24
C ARG A 29 -15.38 -3.87 -10.31
N TRP A 30 -15.23 -4.83 -9.38
CA TRP A 30 -14.09 -5.73 -9.40
C TRP A 30 -14.36 -7.03 -10.16
N LEU A 31 -15.60 -7.28 -10.55
CA LEU A 31 -15.97 -8.58 -11.09
C LEU A 31 -15.41 -8.80 -12.48
N PRO A 32 -15.40 -7.79 -13.36
CA PRO A 32 -14.74 -7.98 -14.67
C PRO A 32 -13.29 -8.40 -14.55
N VAL A 33 -12.61 -8.00 -13.48
CA VAL A 33 -11.24 -8.44 -13.27
C VAL A 33 -11.20 -9.90 -12.86
N LEU A 34 -12.10 -10.32 -11.97
CA LEU A 34 -12.06 -11.67 -11.45
C LEU A 34 -12.33 -12.72 -12.51
N ARG A 35 -12.93 -12.33 -13.65
CA ARG A 35 -13.19 -13.29 -14.70
CA ARG A 35 -13.19 -13.29 -14.70
C ARG A 35 -11.90 -13.93 -15.22
N HIS A 36 -10.80 -13.18 -15.20
CA HIS A 36 -9.53 -13.67 -15.73
C HIS A 36 -8.80 -14.60 -14.78
N TYR A 37 -9.37 -14.91 -13.61
CA TYR A 37 -8.68 -15.70 -12.61
C TYR A 37 -9.45 -16.96 -12.27
N ASP A 38 -8.72 -18.07 -12.12
CA ASP A 38 -9.29 -19.32 -11.64
C ASP A 38 -9.93 -19.10 -10.28
N VAL A 39 -11.26 -19.18 -10.22
CA VAL A 39 -11.95 -18.93 -8.96
C VAL A 39 -11.42 -19.84 -7.85
N GLU A 40 -11.08 -21.07 -8.19
CA GLU A 40 -10.62 -22.01 -7.17
C GLU A 40 -9.22 -21.67 -6.68
N LEU A 41 -8.37 -21.13 -7.55
CA LEU A 41 -7.05 -20.70 -7.11
C LEU A 41 -7.15 -19.61 -6.05
N VAL A 42 -8.05 -18.65 -6.24
CA VAL A 42 -8.17 -17.53 -5.31
C VAL A 42 -8.76 -18.01 -3.98
N ARG A 43 -9.82 -18.82 -4.05
CA ARG A 43 -10.42 -19.34 -2.82
C ARG A 43 -9.39 -20.09 -2.00
N ALA A 44 -8.66 -21.02 -2.63
CA ALA A 44 -7.68 -21.81 -1.91
C ALA A 44 -6.54 -20.93 -1.40
N ALA A 45 -6.21 -19.88 -2.15
CA ALA A 45 -5.15 -18.96 -1.72
C ALA A 45 -5.57 -18.19 -0.47
N VAL A 46 -6.78 -17.64 -0.47
CA VAL A 46 -7.28 -16.96 0.72
C VAL A 46 -7.38 -17.94 1.88
N ALA A 47 -7.88 -19.14 1.63
CA ALA A 47 -8.05 -20.12 2.69
C ALA A 47 -6.72 -20.50 3.33
N GLN A 48 -5.64 -20.50 2.55
CA GLN A 48 -4.35 -20.92 3.09
C GLN A 48 -3.81 -19.89 4.07
N VAL A 49 -3.75 -18.62 3.65
CA VAL A 49 -3.16 -17.59 4.51
C VAL A 49 -4.01 -17.42 5.77
N ILE A 50 -5.33 -17.43 5.63
CA ILE A 50 -6.21 -17.26 6.78
C ILE A 50 -6.05 -18.44 7.73
N GLY A 51 -6.08 -19.66 7.20
CA GLY A 51 -5.93 -20.84 8.04
C GLY A 51 -4.57 -20.93 8.69
N ASP A 52 -3.55 -20.34 8.07
CA ASP A 52 -2.20 -20.40 8.60
C ASP A 52 -1.97 -19.42 9.74
N ARG A 53 -2.90 -18.50 10.00
CA ARG A 53 -2.60 -17.42 10.92
C ARG A 53 -3.72 -17.12 11.90
N VAL A 54 -4.98 -17.13 11.45
CA VAL A 54 -6.10 -16.84 12.33
C VAL A 54 -6.41 -18.09 13.15
N PRO A 55 -6.34 -18.03 14.48
CA PRO A 55 -6.69 -19.21 15.27
C PRO A 55 -8.09 -19.70 14.94
N LYS A 56 -8.32 -20.98 15.16
CA LYS A 56 -9.62 -21.58 14.83
C LYS A 56 -10.74 -21.03 15.71
N TRP A 57 -10.42 -20.63 16.94
CA TRP A 57 -11.45 -20.09 17.82
C TRP A 57 -11.82 -18.66 17.44
N VAL A 58 -10.90 -17.92 16.85
CA VAL A 58 -11.22 -16.59 16.33
C VAL A 58 -12.09 -16.71 15.09
N LEU A 59 -11.70 -17.58 14.16
CA LEU A 59 -12.48 -17.78 12.94
C LEU A 59 -13.93 -18.12 13.24
N ALA A 60 -14.16 -18.95 14.26
CA ALA A 60 -15.52 -19.35 14.59
C ALA A 60 -16.36 -18.14 15.00
N LEU A 61 -15.81 -17.28 15.86
CA LEU A 61 -16.57 -16.14 16.37
C LEU A 61 -16.77 -15.09 15.29
N ILE A 62 -15.77 -14.90 14.43
CA ILE A 62 -15.90 -13.88 13.38
C ILE A 62 -16.96 -14.30 12.36
N GLU A 63 -17.00 -15.59 12.01
CA GLU A 63 -18.01 -16.06 11.08
C GLU A 63 -19.42 -15.81 11.61
N LYS A 64 -19.57 -15.79 12.94
CA LYS A 64 -20.87 -15.54 13.54
C LYS A 64 -21.18 -14.07 13.72
N GLY A 65 -20.17 -13.20 13.62
CA GLY A 65 -20.38 -11.77 13.73
C GLY A 65 -19.98 -11.03 12.48
N ALA A 66 -19.89 -11.76 11.36
CA ALA A 66 -19.43 -11.14 10.12
C ALA A 66 -20.43 -10.12 9.60
N LEU A 67 -21.74 -10.39 9.75
CA LEU A 67 -22.73 -9.44 9.28
C LEU A 67 -22.79 -8.20 10.16
N LYS A 68 -22.60 -8.37 11.46
CA LYS A 68 -22.55 -7.21 12.36
C LYS A 68 -21.25 -6.43 12.16
N LEU A 69 -20.15 -7.14 11.90
CA LEU A 69 -18.88 -6.47 11.64
C LEU A 69 -18.92 -5.68 10.35
N GLU A 70 -19.58 -6.22 9.32
CA GLU A 70 -19.66 -5.52 8.04
C GLU A 70 -20.35 -4.17 8.19
N ARG A 71 -21.42 -4.11 8.98
CA ARG A 71 -22.18 -2.87 9.12
C ARG A 71 -21.38 -1.76 9.79
N LEU A 72 -20.34 -2.11 10.55
CA LEU A 72 -19.57 -1.13 11.30
C LEU A 72 -18.33 -0.62 10.57
N LEU A 73 -18.14 -1.05 9.38
CA LEU A 73 -16.99 -0.68 8.57
C LEU A 73 -17.42 0.26 7.45
N PRO A 74 -16.49 0.99 6.82
CA PRO A 74 -16.86 1.90 5.72
C PRO A 74 -17.65 1.18 4.63
N PRO A 75 -18.85 1.65 4.31
CA PRO A 75 -19.72 0.93 3.36
C PRO A 75 -19.04 0.65 2.04
N PRO A 76 -18.45 1.66 1.39
CA PRO A 76 -17.80 1.38 0.09
C PRO A 76 -16.68 0.36 0.20
N PHE A 77 -15.91 0.41 1.29
CA PHE A 77 -14.89 -0.59 1.54
C PHE A 77 -15.48 -1.99 1.60
N THR A 78 -16.58 -2.15 2.34
CA THR A 78 -17.18 -3.47 2.50
C THR A 78 -17.99 -3.91 1.29
N ALA A 79 -18.63 -2.96 0.59
CA ALA A 79 -19.46 -3.31 -0.56
C ALA A 79 -18.62 -3.96 -1.66
N GLU A 80 -17.40 -3.47 -1.87
CA GLU A 80 -16.54 -4.08 -2.88
C GLU A 80 -16.14 -5.49 -2.47
N ILE A 81 -15.84 -5.69 -1.18
CA ILE A 81 -15.47 -7.02 -0.70
C ILE A 81 -16.65 -7.97 -0.80
N ARG A 82 -17.85 -7.49 -0.42
CA ARG A 82 -19.03 -8.35 -0.47
C ARG A 82 -19.28 -8.85 -1.89
N GLY A 83 -19.13 -7.99 -2.88
CA GLY A 83 -19.36 -8.40 -4.25
C GLY A 83 -18.34 -9.43 -4.72
N MET A 84 -17.06 -9.20 -4.41
CA MET A 84 -16.03 -10.15 -4.80
C MET A 84 -16.25 -11.50 -4.11
N CYS A 85 -16.74 -11.49 -2.87
CA CYS A 85 -16.97 -12.74 -2.15
C CYS A 85 -18.11 -13.54 -2.78
N ASP A 86 -19.25 -12.90 -3.03
CA ASP A 86 -20.34 -13.59 -3.71
C ASP A 86 -19.89 -14.18 -5.04
N PHE A 87 -19.11 -13.41 -5.81
CA PHE A 87 -18.63 -13.88 -7.10
C PHE A 87 -17.68 -15.06 -6.94
N LEU A 88 -16.78 -14.99 -5.96
CA LEU A 88 -15.81 -16.05 -5.73
C LEU A 88 -16.36 -17.18 -4.87
N ASN A 89 -17.58 -17.06 -4.35
CA ASN A 89 -18.11 -18.00 -3.37
C ASN A 89 -17.21 -18.07 -2.14
N LEU A 90 -16.62 -16.94 -1.79
CA LEU A 90 -15.83 -16.79 -0.58
C LEU A 90 -16.71 -16.26 0.54
N SER A 91 -16.38 -16.63 1.77
CA SER A 91 -17.16 -16.18 2.92
C SER A 91 -16.80 -14.75 3.27
N LEU A 92 -17.82 -13.96 3.61
CA LEU A 92 -17.59 -12.58 4.00
C LEU A 92 -16.54 -12.47 5.09
N ALA A 93 -16.59 -13.38 6.07
CA ALA A 93 -15.59 -13.37 7.14
C ALA A 93 -14.18 -13.48 6.56
N ASP A 94 -14.00 -14.32 5.53
CA ASP A 94 -12.68 -14.47 4.94
C ASP A 94 -12.29 -13.23 4.16
N GLY A 95 -13.24 -12.63 3.44
CA GLY A 95 -12.93 -11.42 2.69
C GLY A 95 -12.57 -10.26 3.60
N LEU A 96 -13.27 -10.13 4.72
CA LEU A 96 -12.98 -9.04 5.65
C LEU A 96 -11.66 -9.26 6.37
N LEU A 97 -11.36 -10.51 6.73
CA LEU A 97 -10.10 -10.78 7.44
C LEU A 97 -8.90 -10.46 6.57
N VAL A 98 -8.94 -10.83 5.28
CA VAL A 98 -7.79 -10.60 4.42
C VAL A 98 -7.66 -9.11 4.11
N ASN A 99 -8.77 -8.39 4.03
CA ASN A 99 -8.73 -6.96 3.77
C ASN A 99 -8.39 -6.14 5.01
N LEU A 100 -8.60 -6.70 6.20
CA LEU A 100 -8.16 -6.08 7.45
C LEU A 100 -6.93 -6.77 8.01
N ALA A 101 -6.14 -7.41 7.15
CA ALA A 101 -4.97 -8.14 7.60
C ALA A 101 -3.99 -7.22 8.32
N TYR A 102 -3.77 -6.02 7.77
CA TYR A 102 -2.84 -5.09 8.40
C TYR A 102 -3.34 -4.67 9.78
N GLU A 103 -4.65 -4.47 9.91
CA GLU A 103 -5.23 -4.04 11.18
C GLU A 103 -5.32 -5.18 12.21
N TYR A 104 -4.96 -6.39 11.83
CA TYR A 104 -4.99 -7.55 12.73
C TYR A 104 -3.58 -8.09 12.87
N SER A 105 -3.06 -8.07 14.10
CA SER A 105 -1.67 -8.46 14.33
C SER A 105 -1.38 -9.91 13.98
N ALA A 106 -2.42 -10.73 13.78
CA ALA A 106 -2.18 -12.13 13.42
C ALA A 106 -1.46 -12.24 12.07
N PHE A 107 -1.66 -11.26 11.19
CA PHE A 107 -0.99 -11.26 9.89
C PHE A 107 0.33 -10.49 9.96
N CYS B 1 9.04 -3.81 4.40
CA CYS B 1 8.89 -2.96 3.23
C CYS B 1 10.02 -1.93 3.15
N THR B 2 10.19 -1.33 1.97
CA THR B 2 11.16 -0.28 1.78
C THR B 2 10.60 0.71 0.78
N SER B 3 10.46 1.98 1.19
CA SER B 3 9.98 3.03 0.32
C SER B 3 11.01 4.15 0.25
N ILE B 4 11.17 4.73 -0.93
CA ILE B 4 12.17 5.77 -1.18
C ILE B 4 11.56 6.86 -2.04
N VAL B 5 11.62 8.10 -1.57
CA VAL B 5 11.30 9.27 -2.36
C VAL B 5 12.57 10.11 -2.45
N ALA B 6 12.92 10.51 -3.68
CA ALA B 6 14.19 11.18 -3.90
C ALA B 6 14.06 12.18 -5.03
N GLN B 7 14.96 13.17 -5.03
CA GLN B 7 15.00 14.25 -6.01
C GLN B 7 16.37 14.27 -6.66
N ASP B 8 16.39 14.41 -7.99
CA ASP B 8 17.64 14.40 -8.73
C ASP B 8 18.17 15.83 -8.88
N SER B 9 19.28 15.95 -9.60
CA SER B 9 19.96 17.24 -9.75
C SER B 9 19.15 18.25 -10.55
N ARG B 10 18.07 17.83 -11.20
CA ARG B 10 17.25 18.72 -12.01
C ARG B 10 15.92 19.06 -11.38
N GLY B 11 15.63 18.54 -10.18
CA GLY B 11 14.38 18.83 -9.51
C GLY B 11 13.25 17.85 -9.79
N HIS B 12 13.56 16.65 -10.24
CA HIS B 12 12.55 15.64 -10.53
C HIS B 12 12.42 14.69 -9.36
N VAL B 13 11.18 14.40 -8.97
CA VAL B 13 10.91 13.54 -7.82
C VAL B 13 10.60 12.14 -8.31
N TYR B 14 11.26 11.15 -7.71
CA TYR B 14 11.02 9.74 -8.02
C TYR B 14 10.62 9.02 -6.74
N HIS B 15 9.77 8.00 -6.90
CA HIS B 15 9.20 7.28 -5.76
C HIS B 15 9.21 5.80 -6.09
N GLY B 16 9.85 5.01 -5.23
CA GLY B 16 9.90 3.57 -5.41
C GLY B 16 9.70 2.87 -4.08
N ARG B 17 9.30 1.60 -4.18
CA ARG B 17 9.01 0.82 -2.98
C ARG B 17 9.18 -0.67 -3.25
N ASN B 18 9.43 -1.41 -2.18
CA ASN B 18 9.46 -2.86 -2.18
C ASN B 18 8.42 -3.37 -1.20
N LEU B 19 7.53 -4.24 -1.67
CA LEU B 19 6.48 -4.83 -0.84
C LEU B 19 6.97 -6.19 -0.34
N ASP B 20 7.24 -6.28 0.96
CA ASP B 20 7.77 -7.50 1.57
C ASP B 20 6.66 -8.16 2.38
N TYR B 21 6.37 -9.41 2.05
CA TYR B 21 5.42 -10.21 2.82
C TYR B 21 5.58 -11.67 2.46
N PRO B 22 5.40 -12.60 3.39
CA PRO B 22 5.45 -14.03 3.03
C PRO B 22 4.34 -14.45 2.08
N TYR B 23 4.30 -15.74 1.76
CA TYR B 23 3.34 -16.30 0.80
C TYR B 23 3.57 -15.74 -0.60
N GLY B 24 4.83 -15.50 -0.96
CA GLY B 24 5.13 -14.98 -2.28
C GLY B 24 4.71 -15.92 -3.39
N SER B 25 4.79 -17.23 -3.15
CA SER B 25 4.33 -18.18 -4.17
C SER B 25 2.90 -17.93 -4.57
N ILE B 26 2.07 -17.46 -3.63
CA ILE B 26 0.68 -17.18 -3.92
C ILE B 26 0.51 -15.78 -4.49
N LEU B 27 1.10 -14.79 -3.83
CA LEU B 27 0.79 -13.39 -4.12
C LEU B 27 1.42 -12.92 -5.42
N ARG B 28 2.55 -13.49 -5.84
CA ARG B 28 3.13 -13.09 -7.11
CA ARG B 28 3.15 -13.10 -7.12
C ARG B 28 2.18 -13.37 -8.27
N LYS B 29 1.40 -14.44 -8.18
CA LYS B 29 0.41 -14.74 -9.21
C LYS B 29 -0.77 -13.77 -9.15
N LEU B 30 -1.02 -13.15 -8.00
CA LEU B 30 -2.18 -12.29 -7.82
C LEU B 30 -1.84 -10.81 -7.81
N THR B 31 -0.57 -10.45 -8.01
CA THR B 31 -0.20 -9.04 -8.12
C THR B 31 -0.77 -8.46 -9.40
N VAL B 32 -1.34 -7.26 -9.30
CA VAL B 32 -1.94 -6.60 -10.44
C VAL B 32 -1.75 -5.09 -10.32
N ASP B 33 -1.52 -4.44 -11.45
CA ASP B 33 -1.64 -2.99 -11.55
C ASP B 33 -3.05 -2.66 -11.97
N VAL B 34 -3.70 -1.77 -11.24
CA VAL B 34 -5.10 -1.43 -11.47
C VAL B 34 -5.20 0.06 -11.76
N GLN B 35 -5.85 0.40 -12.86
CA GLN B 35 -6.15 1.79 -13.20
C GLN B 35 -7.62 2.05 -12.89
N PHE B 36 -7.88 2.93 -11.93
CA PHE B 36 -9.23 3.22 -11.50
C PHE B 36 -9.79 4.38 -12.32
N LEU B 37 -10.93 4.16 -12.94
CA LEU B 37 -11.47 5.09 -13.93
C LEU B 37 -12.59 5.94 -13.35
N LYS B 38 -12.65 7.20 -13.79
CA LYS B 38 -13.79 8.07 -13.56
C LYS B 38 -14.12 8.72 -14.90
N ASN B 39 -15.40 8.64 -15.30
CA ASN B 39 -15.84 9.17 -16.59
C ASN B 39 -15.04 8.58 -17.74
N GLY B 40 -14.55 7.36 -17.57
CA GLY B 40 -13.74 6.70 -18.57
C GLY B 40 -12.28 7.08 -18.58
N GLN B 41 -11.85 7.98 -17.71
CA GLN B 41 -10.47 8.45 -17.67
C GLN B 41 -9.77 7.94 -16.42
N ILE B 42 -8.47 7.70 -16.56
CA ILE B 42 -7.66 7.22 -15.44
C ILE B 42 -7.64 8.28 -14.35
N ALA B 43 -8.25 7.97 -13.20
CA ALA B 43 -8.19 8.86 -12.05
C ALA B 43 -6.97 8.58 -11.17
N PHE B 44 -6.54 7.34 -11.07
CA PHE B 44 -5.31 6.99 -10.39
C PHE B 44 -4.99 5.54 -10.67
N THR B 45 -3.75 5.15 -10.38
CA THR B 45 -3.26 3.80 -10.60
C THR B 45 -2.74 3.23 -9.29
N GLY B 46 -2.91 1.92 -9.12
CA GLY B 46 -2.44 1.26 -7.91
C GLY B 46 -2.00 -0.16 -8.19
N THR B 47 -1.21 -0.69 -7.26
CA THR B 47 -0.76 -2.07 -7.30
C THR B 47 -1.30 -2.79 -6.07
N THR B 48 -1.90 -3.96 -6.28
CA THR B 48 -2.52 -4.68 -5.18
C THR B 48 -2.54 -6.17 -5.51
N PHE B 49 -3.19 -6.95 -4.64
CA PHE B 49 -3.39 -8.37 -4.84
C PHE B 49 -4.88 -8.64 -5.07
N ILE B 50 -5.17 -9.58 -5.98
CA ILE B 50 -6.56 -9.94 -6.25
C ILE B 50 -7.23 -10.34 -4.95
N GLY B 51 -8.32 -9.65 -4.61
CA GLY B 51 -9.04 -9.86 -3.37
C GLY B 51 -8.85 -8.77 -2.35
N TYR B 52 -7.76 -8.01 -2.45
CA TYR B 52 -7.48 -6.91 -1.54
C TYR B 52 -7.83 -5.59 -2.24
N VAL B 53 -8.79 -4.86 -1.69
CA VAL B 53 -9.30 -3.66 -2.35
C VAL B 53 -8.52 -2.40 -1.96
N GLY B 54 -7.80 -2.43 -0.84
CA GLY B 54 -6.96 -1.30 -0.50
C GLY B 54 -5.69 -1.24 -1.31
N LEU B 55 -5.06 -0.06 -1.33
CA LEU B 55 -3.85 0.17 -2.08
C LEU B 55 -2.72 0.55 -1.13
N TRP B 56 -1.61 -0.19 -1.21
CA TRP B 56 -0.38 0.16 -0.51
C TRP B 56 0.60 0.90 -1.42
N THR B 57 0.32 0.96 -2.71
CA THR B 57 1.16 1.66 -3.68
C THR B 57 0.23 2.24 -4.72
N GLY B 58 0.40 3.51 -5.06
CA GLY B 58 -0.51 4.14 -5.99
C GLY B 58 0.01 5.48 -6.47
N GLN B 59 -0.63 5.96 -7.52
CA GLN B 59 -0.21 7.18 -8.20
C GLN B 59 -1.44 7.95 -8.67
N SER B 60 -1.50 9.23 -8.32
CA SER B 60 -2.46 10.15 -8.92
C SER B 60 -1.73 10.91 -10.02
N PRO B 61 -2.06 10.69 -11.29
CA PRO B 61 -1.21 11.23 -12.37
C PRO B 61 -1.10 12.75 -12.29
N HIS B 62 0.13 13.24 -12.32
CA HIS B 62 0.45 14.67 -12.32
C HIS B 62 0.08 15.36 -11.01
N LYS B 63 0.01 14.61 -9.92
CA LYS B 63 -0.26 15.21 -8.62
C LYS B 63 0.67 14.65 -7.55
N PHE B 64 0.60 13.35 -7.29
CA PHE B 64 1.42 12.77 -6.24
C PHE B 64 1.42 11.25 -6.35
N THR B 65 2.44 10.65 -5.74
CA THR B 65 2.53 9.21 -5.54
C THR B 65 2.59 8.94 -4.04
N VAL B 66 2.14 7.75 -3.64
CA VAL B 66 2.09 7.42 -2.22
C VAL B 66 2.28 5.92 -2.05
N SER B 67 3.00 5.56 -0.98
CA SER B 67 3.19 4.17 -0.59
C SER B 67 3.16 4.09 0.93
N GLY B 68 2.80 2.91 1.43
CA GLY B 68 2.72 2.71 2.87
C GLY B 68 3.54 1.54 3.38
N ASP B 69 4.31 1.76 4.44
CA ASP B 69 5.14 0.72 5.03
C ASP B 69 4.64 0.39 6.44
N GLU B 70 4.88 -0.84 6.87
CA GLU B 70 4.40 -1.29 8.16
C GLU B 70 5.08 -0.54 9.30
N ARG B 71 4.29 -0.13 10.27
CA ARG B 71 4.77 0.39 11.55
C ARG B 71 4.18 -0.47 12.66
N ASP B 72 4.75 -0.35 13.86
CA ASP B 72 4.31 -1.18 14.98
C ASP B 72 2.80 -1.07 15.16
N ARG B 73 2.09 -2.17 14.90
CA ARG B 73 0.64 -2.15 14.81
C ARG B 73 -0.06 -2.36 16.15
N GLY B 74 0.67 -2.22 17.26
CA GLY B 74 0.07 -2.32 18.58
C GLY B 74 -0.78 -3.56 18.78
N TRP B 75 -1.71 -3.49 19.73
CA TRP B 75 -2.50 -4.64 20.15
C TRP B 75 -3.84 -4.65 19.45
N TRP B 76 -4.40 -5.86 19.30
CA TRP B 76 -5.62 -6.03 18.52
C TRP B 76 -6.83 -5.39 19.19
N TRP B 77 -6.81 -5.23 20.52
CA TRP B 77 -7.95 -4.61 21.18
C TRP B 77 -7.94 -3.10 21.02
N GLU B 78 -6.75 -2.50 20.85
CA GLU B 78 -6.69 -1.09 20.50
C GLU B 78 -7.23 -0.87 19.08
N ASN B 79 -6.80 -1.71 18.14
CA ASN B 79 -7.30 -1.60 16.77
C ASN B 79 -8.79 -1.89 16.71
N LEU B 80 -9.27 -2.85 17.49
CA LEU B 80 -10.69 -3.17 17.50
C LEU B 80 -11.51 -1.96 17.90
N VAL B 81 -11.15 -1.32 19.02
CA VAL B 81 -11.89 -0.14 19.46
C VAL B 81 -11.82 0.95 18.40
N ALA B 82 -10.62 1.22 17.88
CA ALA B 82 -10.46 2.24 16.86
C ALA B 82 -11.28 1.93 15.62
N ALA B 83 -11.45 0.65 15.29
CA ALA B 83 -12.14 0.28 14.06
C ALA B 83 -13.65 0.27 14.24
N LEU B 84 -14.14 -0.41 15.28
CA LEU B 84 -15.58 -0.65 15.41
C LEU B 84 -16.28 0.37 16.28
N PHE B 85 -15.62 0.93 17.30
CA PHE B 85 -16.25 1.91 18.16
CA PHE B 85 -16.25 1.91 18.16
C PHE B 85 -15.97 3.34 17.71
N LEU B 86 -14.72 3.63 17.35
CA LEU B 86 -14.35 4.98 16.94
C LEU B 86 -14.49 5.21 15.43
N ARG B 87 -14.62 4.14 14.64
CA ARG B 87 -14.87 4.25 13.21
C ARG B 87 -13.69 4.88 12.47
N HIS B 88 -12.47 4.56 12.90
CA HIS B 88 -11.28 5.01 12.18
C HIS B 88 -11.12 4.20 10.89
N SER B 89 -10.19 4.68 10.04
CA SER B 89 -10.05 4.13 8.70
C SER B 89 -8.97 3.06 8.65
N PRO B 90 -9.19 1.99 7.88
CA PRO B 90 -8.06 1.11 7.55
C PRO B 90 -6.98 1.87 6.80
N ILE B 91 -5.74 1.40 6.94
CA ILE B 91 -4.60 2.17 6.44
C ILE B 91 -4.63 2.22 4.92
N SER B 92 -4.72 1.06 4.27
CA SER B 92 -4.69 1.03 2.80
C SER B 92 -5.95 1.62 2.19
N TRP B 93 -7.05 1.69 2.94
CA TRP B 93 -8.26 2.30 2.42
C TRP B 93 -8.14 3.83 2.40
N LEU B 94 -7.52 4.40 3.44
CA LEU B 94 -7.24 5.83 3.43
C LEU B 94 -6.27 6.18 2.31
N LEU B 95 -5.24 5.35 2.12
CA LEU B 95 -4.28 5.59 1.05
C LEU B 95 -4.98 5.65 -0.30
N ARG B 96 -5.91 4.73 -0.57
CA ARG B 96 -6.60 4.74 -1.84
C ARG B 96 -7.62 5.88 -1.91
N THR B 97 -8.31 6.17 -0.81
CA THR B 97 -9.23 7.30 -0.78
C THR B 97 -8.49 8.60 -1.09
N THR B 98 -7.29 8.77 -0.56
CA THR B 98 -6.50 9.96 -0.83
C THR B 98 -6.17 10.07 -2.31
N LEU B 99 -5.66 8.99 -2.90
CA LEU B 99 -5.39 8.98 -4.33
C LEU B 99 -6.61 9.37 -5.14
N SER B 100 -7.80 9.14 -4.62
CA SER B 100 -9.04 9.41 -5.35
C SER B 100 -9.51 10.84 -5.19
N GLU B 101 -9.44 11.39 -3.97
CA GLU B 101 -10.08 12.66 -3.66
C GLU B 101 -9.10 13.83 -3.56
N ALA B 102 -7.90 13.61 -3.03
CA ALA B 102 -6.97 14.72 -2.81
C ALA B 102 -6.64 15.41 -4.12
N GLU B 103 -6.68 16.74 -4.10
CA GLU B 103 -6.53 17.54 -5.32
C GLU B 103 -5.09 18.00 -5.56
N SER B 104 -4.17 17.73 -4.64
CA SER B 104 -2.80 18.18 -4.79
C SER B 104 -1.91 17.44 -3.80
N PHE B 105 -0.61 17.44 -4.10
CA PHE B 105 0.35 16.85 -3.18
C PHE B 105 0.19 17.41 -1.78
N GLU B 106 -0.06 18.71 -1.66
CA GLU B 106 -0.24 19.33 -0.36
CA GLU B 106 -0.24 19.31 -0.35
C GLU B 106 -1.48 18.77 0.34
N ALA B 107 -2.60 18.68 -0.39
CA ALA B 107 -3.82 18.15 0.20
C ALA B 107 -3.68 16.69 0.57
N ALA B 108 -2.87 15.94 -0.20
CA ALA B 108 -2.66 14.52 0.13
C ALA B 108 -1.93 14.36 1.45
N VAL B 109 -0.90 15.17 1.68
CA VAL B 109 -0.14 15.05 2.93
C VAL B 109 -1.03 15.38 4.11
N TYR B 110 -1.89 16.39 3.98
CA TYR B 110 -2.82 16.72 5.05
C TYR B 110 -3.73 15.54 5.36
N ARG B 111 -4.37 14.99 4.34
CA ARG B 111 -5.26 13.84 4.54
C ARG B 111 -4.50 12.67 5.16
N LEU B 112 -3.37 12.29 4.57
CA LEU B 112 -2.62 11.14 5.06
C LEU B 112 -2.03 11.38 6.43
N ALA B 113 -1.92 12.64 6.86
CA ALA B 113 -1.29 12.95 8.13
C ALA B 113 -2.28 13.10 9.28
N LYS B 114 -3.51 13.54 9.02
CA LYS B 114 -4.45 13.89 10.07
C LYS B 114 -5.71 13.04 10.11
N THR B 115 -5.99 12.22 9.10
CA THR B 115 -7.16 11.36 9.14
C THR B 115 -6.94 10.24 10.15
N PRO B 116 -7.84 10.05 11.12
CA PRO B 116 -7.62 9.01 12.13
C PRO B 116 -7.57 7.62 11.51
N LEU B 117 -6.71 6.77 12.07
CA LEU B 117 -6.44 5.45 11.54
C LEU B 117 -6.68 4.38 12.62
N ILE B 118 -6.79 3.14 12.16
CA ILE B 118 -6.97 2.02 13.07
C ILE B 118 -5.64 1.61 13.68
N ALA B 119 -4.54 1.81 12.96
CA ALA B 119 -3.22 1.43 13.45
C ALA B 119 -2.18 2.40 12.90
N ASP B 120 -0.95 2.23 13.37
CA ASP B 120 0.15 3.07 12.93
C ASP B 120 0.65 2.62 11.56
N VAL B 121 1.35 3.52 10.87
CA VAL B 121 1.90 3.24 9.55
C VAL B 121 2.87 4.34 9.19
N TYR B 122 3.70 4.08 8.18
CA TYR B 122 4.50 5.11 7.53
C TYR B 122 3.87 5.42 6.18
N TYR B 123 3.52 6.68 5.94
CA TYR B 123 3.05 7.14 4.64
C TYR B 123 4.17 7.91 3.97
N ILE B 124 4.54 7.51 2.77
CA ILE B 124 5.56 8.17 1.97
C ILE B 124 4.87 8.80 0.78
N VAL B 125 5.10 10.10 0.57
CA VAL B 125 4.40 10.85 -0.47
C VAL B 125 5.43 11.57 -1.33
N GLY B 126 5.20 11.56 -2.65
CA GLY B 126 6.00 12.33 -3.56
C GLY B 126 5.11 13.14 -4.48
N GLY B 127 5.64 14.27 -4.94
CA GLY B 127 4.87 15.18 -5.77
C GLY B 127 5.39 15.33 -7.17
N THR B 128 5.11 16.47 -7.79
CA THR B 128 5.54 16.76 -9.15
C THR B 128 6.44 18.00 -9.24
N ASN B 129 6.82 18.57 -8.10
CA ASN B 129 7.66 19.76 -8.04
C ASN B 129 8.81 19.52 -7.08
N PRO B 130 9.88 20.30 -7.20
CA PRO B 130 11.03 20.10 -6.31
C PRO B 130 10.63 20.23 -4.85
N ARG B 131 11.27 19.43 -4.00
CA ARG B 131 11.10 19.39 -2.55
C ARG B 131 9.83 18.65 -2.15
N GLU B 132 8.92 18.32 -3.08
CA GLU B 132 7.66 17.67 -2.74
C GLU B 132 7.94 16.20 -2.46
N GLY B 133 8.36 15.94 -1.23
CA GLY B 133 8.63 14.59 -0.77
C GLY B 133 8.68 14.53 0.73
N VAL B 134 7.82 13.72 1.35
CA VAL B 134 7.73 13.62 2.79
C VAL B 134 7.53 12.18 3.20
N VAL B 135 7.88 11.90 4.45
CA VAL B 135 7.55 10.64 5.11
C VAL B 135 6.72 10.97 6.33
N ILE B 136 5.49 10.47 6.37
CA ILE B 136 4.57 10.74 7.46
C ILE B 136 4.59 9.54 8.41
N THR B 137 5.19 9.72 9.58
CA THR B 137 5.14 8.72 10.63
C THR B 137 3.84 8.90 11.39
N ARG B 138 2.93 7.93 11.28
CA ARG B 138 1.55 8.11 11.71
C ARG B 138 1.29 7.42 13.04
N ASN B 139 0.63 8.14 13.94
CA ASN B 139 -0.12 7.54 15.04
C ASN B 139 -1.56 7.30 14.59
N ARG B 140 -2.35 6.66 15.45
CA ARG B 140 -3.75 6.48 15.14
C ARG B 140 -4.49 7.81 15.05
N ASP B 141 -4.13 8.77 15.90
CA ASP B 141 -4.86 10.02 16.02
C ASP B 141 -4.27 11.15 15.19
N GLY B 142 -3.06 10.97 14.64
CA GLY B 142 -2.45 12.02 13.87
C GLY B 142 -0.99 11.74 13.57
N PRO B 143 -0.25 12.76 13.14
CA PRO B 143 1.14 12.53 12.74
C PRO B 143 2.10 12.58 13.92
N ALA B 144 2.90 11.53 14.06
CA ALA B 144 3.96 11.56 15.06
C ALA B 144 5.15 12.40 14.61
N ASP B 145 5.32 12.54 13.29
CA ASP B 145 6.47 13.23 12.73
C ASP B 145 6.27 13.33 11.22
N ILE B 146 6.69 14.44 10.65
CA ILE B 146 6.72 14.64 9.20
C ILE B 146 8.14 14.97 8.80
N TRP B 147 8.64 14.26 7.77
CA TRP B 147 10.06 14.24 7.43
C TRP B 147 10.21 14.68 5.98
N PRO B 148 10.62 15.93 5.73
CA PRO B 148 10.61 16.43 4.34
C PRO B 148 11.96 16.36 3.64
N LEU B 149 11.92 16.40 2.31
CA LEU B 149 13.14 16.55 1.52
C LEU B 149 13.74 17.93 1.75
N ASP B 150 15.07 17.99 1.84
CA ASP B 150 15.79 19.25 1.97
C ASP B 150 17.06 19.16 1.13
N PRO B 151 16.94 19.33 -0.20
CA PRO B 151 18.13 19.18 -1.05
C PRO B 151 19.23 20.17 -0.73
N LEU B 152 18.90 21.46 -0.62
CA LEU B 152 19.93 22.47 -0.32
C LEU B 152 20.68 22.14 0.96
N LYS B 153 20.09 21.35 1.86
CA LYS B 153 20.75 20.89 3.06
C LYS B 153 21.49 19.57 2.84
N GLY B 154 21.42 19.00 1.64
CA GLY B 154 22.01 17.72 1.36
C GLY B 154 21.09 16.53 1.52
N VAL B 155 19.79 16.76 1.70
CA VAL B 155 18.83 15.68 1.86
C VAL B 155 18.00 15.59 0.59
N TRP B 156 18.50 14.84 -0.40
CA TRP B 156 17.82 14.68 -1.67
C TRP B 156 17.07 13.35 -1.76
N PHE B 157 17.04 12.56 -0.69
CA PHE B 157 16.25 11.35 -0.67
C PHE B 157 15.79 11.07 0.76
N LEU B 158 14.69 10.35 0.88
CA LEU B 158 14.19 9.85 2.15
C LEU B 158 14.03 8.34 2.03
N VAL B 159 14.66 7.60 2.94
CA VAL B 159 14.61 6.14 2.93
C VAL B 159 13.82 5.70 4.15
N GLU B 160 12.69 5.05 3.91
CA GLU B 160 11.87 4.47 4.97
C GLU B 160 11.84 2.96 4.82
N THR B 161 12.21 2.25 5.88
CA THR B 161 12.01 0.81 5.92
C THR B 161 10.78 0.51 6.77
N ASN B 162 10.98 0.16 8.05
CA ASN B 162 9.86 -0.12 8.95
C ASN B 162 10.16 0.38 10.35
N TYR B 163 11.00 1.40 10.49
CA TYR B 163 11.41 1.90 11.79
C TYR B 163 11.51 3.41 11.72
N ASP B 164 11.37 4.05 12.89
CA ASP B 164 11.39 5.50 12.96
C ASP B 164 12.75 6.04 12.55
N HIS B 165 12.75 7.09 11.73
CA HIS B 165 13.98 7.53 11.09
C HIS B 165 14.89 8.27 12.06
N TRP B 166 14.34 8.87 13.11
CA TRP B 166 15.15 9.58 14.10
C TRP B 166 15.82 8.64 15.09
N LYS B 167 15.70 7.34 14.90
CA LYS B 167 16.35 6.34 15.73
C LYS B 167 17.16 5.39 14.85
N PRO B 168 18.15 4.70 15.41
CA PRO B 168 18.91 3.74 14.61
C PRO B 168 18.13 2.46 14.38
N ALA B 169 18.25 1.92 13.16
CA ALA B 169 17.58 0.68 12.82
C ALA B 169 18.13 -0.47 13.64
N PRO B 170 17.37 -1.56 13.79
CA PRO B 170 17.87 -2.69 14.57
C PRO B 170 19.05 -3.36 13.91
N GLU B 171 19.91 -3.95 14.75
CA GLU B 171 21.06 -4.68 14.22
C GLU B 171 20.62 -5.90 13.41
N GLU B 172 19.44 -6.45 13.72
CA GLU B 172 19.01 -7.70 13.12
C GLU B 172 18.34 -7.48 11.77
N ASP B 173 17.68 -6.33 11.57
CA ASP B 173 16.96 -6.03 10.33
C ASP B 173 17.28 -4.59 9.95
N ASP B 174 18.35 -4.40 9.20
CA ASP B 174 18.77 -3.08 8.74
C ASP B 174 18.83 -3.11 7.21
N ARG B 175 17.73 -2.74 6.58
CA ARG B 175 17.70 -2.46 5.15
C ARG B 175 17.88 -0.98 4.84
N ARG B 176 17.97 -0.15 5.88
CA ARG B 176 18.13 1.29 5.68
C ARG B 176 19.53 1.63 5.23
N THR B 177 20.54 1.16 5.96
CA THR B 177 21.93 1.47 5.62
C THR B 177 22.28 1.06 4.20
N PRO B 178 22.07 -0.18 3.78
CA PRO B 178 22.40 -0.54 2.38
C PRO B 178 21.62 0.26 1.36
N ALA B 179 20.39 0.69 1.70
CA ALA B 179 19.63 1.54 0.77
C ALA B 179 20.26 2.91 0.65
N ILE B 180 20.67 3.51 1.78
CA ILE B 180 21.37 4.79 1.74
C ILE B 180 22.70 4.64 1.01
N LYS B 181 23.49 3.65 1.39
CA LYS B 181 24.77 3.40 0.74
C LYS B 181 24.60 3.30 -0.77
N ALA B 182 23.57 2.58 -1.22
CA ALA B 182 23.35 2.43 -2.65
C ALA B 182 22.90 3.72 -3.30
N LEU B 183 22.28 4.62 -2.53
CA LEU B 183 21.82 5.89 -3.09
C LEU B 183 22.96 6.90 -3.17
N ASN B 184 23.82 6.95 -2.16
CA ASN B 184 24.99 7.84 -2.23
C ASN B 184 25.86 7.48 -3.43
N ALA B 185 26.06 6.18 -3.68
CA ALA B 185 26.87 5.77 -4.81
C ALA B 185 26.21 6.15 -6.14
N THR B 186 24.87 6.07 -6.19
CA THR B 186 24.17 6.46 -7.41
C THR B 186 24.38 7.94 -7.71
N GLY B 187 24.09 8.79 -6.73
CA GLY B 187 24.29 10.22 -6.88
C GLY B 187 23.05 10.95 -7.36
N GLN B 188 22.79 12.11 -6.75
CA GLN B 188 21.64 12.93 -7.14
C GLN B 188 21.63 13.23 -8.64
N ALA B 189 22.79 13.18 -9.30
CA ALA B 189 22.85 13.49 -10.72
C ALA B 189 22.36 12.32 -11.56
N LYS B 190 22.71 11.09 -11.17
CA LYS B 190 22.35 9.90 -11.93
C LYS B 190 21.06 9.26 -11.45
N LEU B 191 20.25 9.97 -10.68
CA LEU B 191 19.02 9.38 -10.18
C LEU B 191 17.99 9.27 -11.30
N SER B 192 17.32 8.12 -11.34
CA SER B 192 16.29 7.85 -12.33
C SER B 192 15.48 6.65 -11.87
N LEU B 193 14.38 6.40 -12.57
CA LEU B 193 13.57 5.22 -12.25
C LEU B 193 14.37 3.93 -12.40
N GLU B 194 15.28 3.89 -13.38
CA GLU B 194 16.11 2.70 -13.58
C GLU B 194 17.14 2.57 -12.46
N THR B 195 17.86 3.65 -12.17
CA THR B 195 18.83 3.61 -11.08
C THR B 195 18.14 3.44 -9.73
N LEU B 196 16.98 4.09 -9.57
CA LEU B 196 16.15 3.86 -8.39
C LEU B 196 15.77 2.41 -8.26
N PHE B 197 15.36 1.81 -9.36
CA PHE B 197 14.98 0.41 -9.35
C PHE B 197 16.15 -0.45 -8.89
N GLN B 198 17.37 -0.10 -9.30
CA GLN B 198 18.53 -0.89 -8.89
C GLN B 198 18.83 -0.74 -7.41
N VAL B 199 18.59 0.44 -6.84
CA VAL B 199 18.71 0.61 -5.40
C VAL B 199 17.82 -0.38 -4.68
N LEU B 200 16.57 -0.51 -5.13
CA LEU B 200 15.62 -1.43 -4.52
C LEU B 200 15.93 -2.88 -4.84
N SER B 201 16.86 -3.15 -5.77
CA SER B 201 17.27 -4.50 -6.10
C SER B 201 18.51 -4.94 -5.33
N VAL B 202 18.99 -4.13 -4.40
CA VAL B 202 20.16 -4.46 -3.61
C VAL B 202 19.72 -5.29 -2.41
N VAL B 203 20.52 -6.31 -2.08
CA VAL B 203 20.26 -7.16 -0.91
C VAL B 203 20.81 -6.43 0.31
N PRO B 204 20.12 -6.44 1.46
CA PRO B 204 18.82 -7.11 1.71
C PRO B 204 17.60 -6.21 1.53
N VAL B 205 17.77 -5.02 0.94
CA VAL B 205 16.60 -4.23 0.53
C VAL B 205 15.70 -5.09 -0.35
N TYR B 206 16.31 -5.76 -1.33
CA TYR B 206 15.66 -6.85 -2.06
C TYR B 206 15.98 -8.13 -1.32
N ASN B 207 14.97 -8.70 -0.64
CA ASN B 207 15.15 -9.89 0.17
C ASN B 207 14.24 -11.00 -0.33
N ASN B 208 14.21 -12.11 0.41
CA ASN B 208 13.43 -13.27 0.01
C ASN B 208 11.93 -13.06 0.16
N TYR B 209 11.52 -12.05 0.93
CA TYR B 209 10.11 -11.76 1.13
C TYR B 209 9.57 -10.70 0.19
N THR B 210 10.43 -10.11 -0.65
CA THR B 210 9.98 -9.09 -1.59
C THR B 210 9.11 -9.74 -2.66
N ILE B 211 7.88 -9.22 -2.81
CA ILE B 211 6.93 -9.73 -3.78
C ILE B 211 6.96 -8.93 -5.08
N TYR B 212 6.93 -7.60 -4.97
CA TYR B 212 7.02 -6.76 -6.16
C TYR B 212 7.75 -5.49 -5.82
N THR B 213 8.31 -4.86 -6.85
CA THR B 213 8.98 -3.57 -6.75
C THR B 213 8.30 -2.60 -7.71
N THR B 214 7.95 -1.42 -7.21
CA THR B 214 7.31 -0.39 -8.01
C THR B 214 8.17 0.87 -7.98
N VAL B 215 8.30 1.52 -9.13
CA VAL B 215 8.95 2.81 -9.25
C VAL B 215 8.03 3.72 -10.05
N MET B 216 7.92 4.97 -9.61
CA MET B 216 6.94 5.87 -10.20
C MET B 216 7.39 7.31 -10.02
N SER B 217 6.78 8.20 -10.80
CA SER B 217 7.05 9.63 -10.72
C SER B 217 5.78 10.34 -11.18
N ALA B 218 5.07 10.97 -10.24
CA ALA B 218 3.78 11.58 -10.56
C ALA B 218 3.88 12.54 -11.74
N ALA B 219 5.06 13.12 -11.97
CA ALA B 219 5.23 14.02 -13.10
C ALA B 219 5.29 13.26 -14.42
N SER B 220 5.67 11.99 -14.41
CA SER B 220 5.69 11.12 -15.59
C SER B 220 4.84 9.90 -15.29
N PRO B 221 3.52 10.04 -15.27
CA PRO B 221 2.66 8.92 -14.83
C PRO B 221 2.71 7.71 -15.75
N ASP B 222 3.08 7.87 -17.02
CA ASP B 222 3.17 6.73 -17.91
C ASP B 222 4.38 5.85 -17.63
N LYS B 223 5.31 6.30 -16.80
CA LYS B 223 6.48 5.52 -16.43
C LYS B 223 6.22 4.57 -15.26
N TYR B 224 4.99 4.55 -14.72
CA TYR B 224 4.63 3.65 -13.63
C TYR B 224 5.00 2.23 -13.98
N MET B 225 5.89 1.63 -13.19
CA MET B 225 6.46 0.33 -13.51
C MET B 225 6.47 -0.55 -12.26
N THR B 226 5.73 -1.65 -12.31
CA THR B 226 5.79 -2.69 -11.30
C THR B 226 6.45 -3.93 -11.88
N ARG B 227 7.28 -4.59 -11.08
CA ARG B 227 7.98 -5.81 -11.49
C ARG B 227 7.85 -6.85 -10.39
N ILE B 228 7.46 -8.06 -10.77
CA ILE B 228 7.42 -9.18 -9.84
C ILE B 228 8.84 -9.66 -9.61
N ARG B 229 9.18 -9.92 -8.35
CA ARG B 229 10.51 -10.38 -7.99
C ARG B 229 10.49 -11.88 -7.69
N ASN B 230 11.59 -12.55 -8.02
CA ASN B 230 11.71 -13.98 -7.81
C ASN B 230 10.62 -14.75 -8.58
C1 NAG C . -8.72 1.24 -19.69
C2 NAG C . -8.30 0.42 -20.91
C3 NAG C . -7.65 1.33 -21.96
C4 NAG C . -8.57 2.50 -22.30
C5 NAG C . -8.95 3.24 -21.03
C6 NAG C . -9.94 4.36 -21.27
C7 NAG C . -7.79 -1.89 -20.25
C8 NAG C . -6.72 -2.86 -19.88
N2 NAG C . -7.39 -0.64 -20.53
O3 NAG C . -7.38 0.57 -23.13
O4 NAG C . -7.91 3.39 -23.20
O5 NAG C . -9.56 2.34 -20.10
O6 NAG C . -11.27 3.87 -21.37
O7 NAG C . -8.98 -2.22 -20.30
H1 NAG C . -7.92 1.60 -19.25
H2 NAG C . -9.11 0.04 -21.31
H3 NAG C . -6.82 1.68 -21.60
H4 NAG C . -9.38 2.16 -22.73
H5 NAG C . -8.15 3.62 -20.63
H61 NAG C . -9.71 4.82 -22.10
H62 NAG C . -9.89 4.99 -20.53
H81 NAG C . -6.26 -2.55 -19.09
H82 NAG C . -6.08 -2.95 -20.62
H83 NAG C . -7.12 -3.73 -19.69
HN2 NAG C . -6.50 -0.46 -20.49
HO3 NAG C . -7.13 1.12 -23.79
HO4 NAG C . -8.24 3.27 -24.02
HO6 NAG C . -11.36 3.16 -20.84
C1 NAG D . -20.56 -22.17 -2.79
C2 NAG D . -20.56 -23.60 -3.32
C3 NAG D . -21.80 -24.34 -2.82
C4 NAG D . -21.93 -24.22 -1.31
C5 NAG D . -21.84 -22.76 -0.87
C6 NAG D . -21.82 -22.60 0.63
C7 NAG D . -19.34 -23.77 -5.44
C8 NAG D . -19.45 -23.77 -6.93
N2 NAG D . -20.49 -23.63 -4.77
O3 NAG D . -21.72 -25.71 -3.21
O4 NAG D . -23.18 -24.76 -0.89
O5 NAG D . -20.62 -22.18 -1.37
O6 NAG D . -22.49 -21.42 1.03
O7 NAG D . -18.26 -23.87 -4.87
H1 NAG D . -21.33 -21.69 -3.15
H2 NAG D . -19.77 -24.07 -2.96
H3 NAG D . -22.59 -23.94 -3.24
H4 NAG D . -21.20 -24.73 -0.89
H5 NAG D . -22.61 -22.28 -1.24
H61 NAG D . -20.88 -22.56 0.93
H62 NAG D . -22.25 -23.38 1.04
H81 NAG D . -19.83 -22.92 -7.24
H82 NAG D . -20.03 -24.51 -7.21
H83 NAG D . -18.56 -23.87 -7.33
HN2 NAG D . -21.26 -23.55 -5.24
HO3 NAG D . -21.10 -25.81 -3.84
HO4 NAG D . -23.03 -25.45 -0.36
HO6 NAG D . -22.00 -20.98 1.63
K K E . -12.43 -17.64 -14.75
C25 TRT F . 0.32 -13.00 16.69
O24 TRT F . -0.41 -12.17 17.58
C23 TRT F . -1.76 -12.02 17.26
C22 TRT F . -2.63 -12.96 18.13
O21 TRT F . -3.78 -13.35 17.40
C20 TRT F . -4.77 -14.02 18.16
C19 TRT F . -5.60 -12.99 18.97
O18 TRT F . -6.81 -12.65 18.27
C17 TRT F . -7.92 -12.38 19.12
C16 TRT F . -8.87 -11.32 18.47
O15 TRT F . -8.86 -11.46 17.05
C12 TRT F . -9.59 -10.46 16.31
C13 TRT F . -9.69 -10.58 14.93
C14 TRT F . -10.38 -9.62 14.18
C11 TRT F . -10.21 -9.38 16.94
C10 TRT F . -10.90 -8.42 16.20
C9 TRT F . -11.00 -8.55 14.81
C6 TRT F . -11.78 -7.46 13.97
C8 TRT F . -12.03 -7.94 12.53
C7 TRT F . -13.19 -7.30 14.60
C5 TRT F . -11.11 -6.03 14.04
C1 TRT F . -9.56 -5.84 13.78
C2 TRT F . -9.15 -6.34 12.39
C4 TRT F . -9.32 -4.30 13.79
C3 TRT F . -8.67 -6.44 14.87
H251 TRT F . -0.02 -13.91 16.74
H252 TRT F . 1.26 -12.99 16.94
H253 TRT F . 0.22 -12.66 15.78
H231 TRT F . -2.03 -11.10 17.42
H232 TRT F . -1.90 -12.24 16.32
H221 TRT F . -2.12 -13.74 18.37
H222 TRT F . -2.91 -12.49 18.94
H201 TRT F . -5.37 -14.50 17.56
H202 TRT F . -4.34 -14.64 18.76
H191 TRT F . -5.84 -13.38 19.83
H192 TRT F . -5.07 -12.19 19.12
H171 TRT F . -8.41 -13.20 19.27
H172 TRT F . -7.59 -12.05 19.97
H161 TRT F . -9.77 -11.47 18.80
H162 TRT F . -8.57 -10.43 18.71
H13 TRT F . -9.27 -11.29 14.50
H14 TRT F . -10.44 -9.70 13.26
H11 TRT F . -10.15 -9.29 17.86
H10 TRT F . -11.31 -7.71 16.63
H8C1 TRT F . -11.19 -8.22 12.12
H8C2 TRT F . -12.41 -7.21 12.00
H8C3 TRT F . -12.65 -8.68 12.53
H7C1 TRT F . -13.26 -6.43 15.02
H7C2 TRT F . -13.33 -7.99 15.26
H7C3 TRT F . -13.86 -7.38 13.91
H5C1 TRT F . -11.57 -5.48 13.40
H5C2 TRT F . -11.28 -5.70 14.94
H2C1 TRT F . -8.24 -6.68 12.44
H2C2 TRT F . -9.18 -5.61 11.76
H2C3 TRT F . -9.74 -7.04 12.11
H4C1 TRT F . -9.90 -3.87 13.14
H4C2 TRT F . -8.39 -4.12 13.58
H4C3 TRT F . -9.52 -3.96 14.67
H3C1 TRT F . -8.89 -7.38 14.99
H3C2 TRT F . -7.74 -6.36 14.62
H3C3 TRT F . -8.82 -5.97 15.71
C25 TRT G . -27.12 -1.94 -3.59
O24 TRT G . -26.98 -1.55 -4.94
C23 TRT G . -26.01 -0.56 -5.14
C22 TRT G . -26.55 0.49 -6.14
O21 TRT G . -26.35 0.01 -7.46
C20 TRT G . -26.72 0.92 -8.47
C19 TRT G . -26.30 0.31 -9.85
O18 TRT G . -26.78 -1.03 -9.93
C17 TRT G . -25.90 -1.99 -9.35
C16 TRT G . -26.72 -3.00 -8.48
O15 TRT G . -26.50 -4.33 -8.98
C12 TRT G . -26.15 -5.34 -8.03
C13 TRT G . -25.21 -5.11 -7.03
C14 TRT G . -24.89 -6.13 -6.11
C11 TRT G . -26.76 -6.59 -8.12
C10 TRT G . -26.46 -7.60 -7.21
C9 TRT G . -25.51 -7.37 -6.22
C6 TRT G . -25.17 -8.54 -5.21
C8 TRT G . -24.11 -8.14 -4.17
C7 TRT G . -26.47 -8.85 -4.43
C5 TRT G . -24.76 -9.87 -5.97
C1 TRT G . -23.63 -9.84 -7.10
C2 TRT G . -22.61 -8.70 -6.93
C4 TRT G . -22.86 -11.18 -7.03
C3 TRT G . -24.27 -9.74 -8.49
H251 TRT G . -27.85 -2.57 -3.51
H252 TRT G . -27.30 -1.17 -3.05
H253 TRT G . -26.30 -2.37 -3.28
H231 TRT G . -25.80 -0.13 -4.30
H232 TRT G . -25.20 -0.96 -5.49
H221 TRT G . -27.49 0.63 -5.98
H222 TRT G . -26.06 1.32 -6.03
H201 TRT G . -27.68 1.06 -8.46
H202 TRT G . -26.27 1.77 -8.34
H191 TRT G . -26.70 0.84 -10.56
H192 TRT G . -25.34 0.33 -9.93
H171 TRT G . -25.44 -2.48 -10.05
H172 TRT G . -25.26 -1.54 -8.79
H161 TRT G . -26.42 -2.97 -7.55
H162 TRT G . -27.67 -2.79 -8.52
H13 TRT G . -24.79 -4.28 -6.96
H14 TRT G . -24.27 -5.97 -5.44
H11 TRT G . -27.38 -6.75 -8.80
H10 TRT G . -26.87 -8.42 -7.28
H8C1 TRT G . -23.32 -7.79 -4.62
H8C2 TRT G . -23.87 -8.91 -3.63
H8C3 TRT G . -24.47 -7.45 -3.58
H7C1 TRT G . -27.14 -8.17 -4.63
H7C2 TRT G . -26.28 -8.84 -3.47
H7C3 TRT G . -26.80 -9.72 -4.69
H5C1 TRT G . -24.45 -10.49 -5.29
H5C2 TRT G . -25.55 -10.21 -6.40
H2C1 TRT G . -22.28 -8.44 -7.80
H2C2 TRT G . -21.86 -9.01 -6.39
H2C3 TRT G . -23.03 -7.95 -6.50
H4C1 TRT G . -22.51 -11.32 -6.14
H4C2 TRT G . -22.13 -11.17 -7.68
H4C3 TRT G . -23.46 -11.90 -7.26
H3C1 TRT G . -24.89 -9.00 -8.51
H3C2 TRT G . -23.57 -9.60 -9.16
H3C3 TRT G . -24.74 -10.57 -8.69
CAA 27L H . -13.16 -9.86 20.35
CAN 27L H . -13.75 -11.20 19.88
CAB 27L H . -14.00 -12.03 21.14
CAC 27L H . -12.72 -11.97 19.04
CAK 27L H . -15.11 -11.00 19.17
CAO 27L H . -15.11 -10.50 17.70
CAD 27L H . -14.01 -9.47 17.47
CAE 27L H . -14.90 -11.69 16.75
CAM 27L H . -16.49 -9.89 17.33
CAI 27L H . -17.66 -10.60 17.58
CAG 27L H . -18.88 -10.06 17.24
CAL 27L H . -18.96 -8.80 16.64
OAF 27L H . -20.20 -8.26 16.30
CAH 27L H . -17.80 -8.10 16.38
CAJ 27L H . -16.57 -8.64 16.72
H1 27L H . -12.95 -9.90 21.28
H2 27L H . -12.35 -9.68 19.84
H3 27L H . -13.81 -9.15 20.18
H4 27L H . -13.15 -12.34 21.50
H5 27L H . -14.54 -12.80 20.91
H6 27L H . -14.46 -11.49 21.80
H7 27L H . -11.83 -11.86 19.43
H8 27L H . -12.94 -12.91 19.03
H9 27L H . -12.71 -11.63 18.13
H10 27L H . -15.61 -10.35 19.69
H11 27L H . -15.57 -11.86 19.17
H12 27L H . -13.16 -9.81 17.77
H13 27L H . -14.22 -8.65 17.95
H14 27L H . -13.95 -9.26 16.51
H15 27L H . -15.76 -12.07 16.51
H16 27L H . -14.45 -11.39 15.95
H17 27L H . -14.36 -12.37 17.19
H18 27L H . -17.61 -11.44 17.98
H19 27L H . -19.67 -10.53 17.41
H20 27L H . -20.15 -7.41 16.31
H21 27L H . -17.84 -7.26 15.98
H22 27L H . -15.79 -8.16 16.54
C01 WTF I . 2.16 -2.99 5.15
C02 WTF I . 1.79 -3.78 3.89
S03 WTF I . 2.12 -5.57 4.07
O04 WTF I . 1.52 -6.29 2.97
O05 WTF I . 3.53 -5.89 3.93
C06 WTF I . 1.51 -6.30 5.67
C07 WTF I . 0.16 -6.57 5.84
C08 WTF I . -0.26 -7.09 7.04
C09 WTF I . 0.66 -7.36 8.05
C10 WTF I . 1.99 -7.09 7.86
C11 WTF I . 2.42 -6.57 6.68
C12 WTF I . -0.89 -6.26 4.69
O13 WTF I . -1.38 -5.18 4.65
N14 WTF I . -1.30 -7.28 3.67
C15 WTF I . -0.73 -8.58 3.66
C16 WTF I . -1.45 -9.76 2.99
N17 WTF I . -2.66 -9.52 2.10
C18 WTF I . -3.23 -8.12 2.32
C19 WTF I . -2.23 -6.99 2.62
C20 WTF I . -1.50 -6.65 1.32
C21 WTF I . -3.25 -10.55 1.24
N22 WTF I . -4.14 -10.36 0.14
C23 WTF I . -4.55 -11.66 -0.42
C24 WTF I . -3.99 -12.78 0.23
S25 WTF I . -3.02 -12.21 1.48
C26 WTF I . -4.32 -14.10 -0.24
C27 WTF I . -5.19 -14.29 -1.35
F28 WTF I . -5.48 -15.58 -1.79
C29 WTF I . -5.75 -13.15 -2.01
C30 WTF I . -5.44 -11.84 -1.56
H012 WTF I . 1.97 -2.05 5.02
H011 WTF I . 3.11 -3.11 5.33
H013 WTF I . 1.65 -3.32 5.90
H022 WTF I . 0.84 -3.65 3.70
H021 WTF I . 2.31 -3.45 3.14
H081 WTF I . -1.16 -7.27 7.17
H091 WTF I . 0.36 -7.71 8.86
H101 WTF I . 2.59 -7.28 8.54
H111 WTF I . 3.32 -6.39 6.55
H151 WTF I . 0.13 -8.50 3.22
H152 WTF I . -0.60 -8.83 4.59
H162 WTF I . -0.79 -10.23 2.44
H161 WTF I . -1.74 -10.36 3.70
H182 WTF I . -3.86 -8.17 3.06
H181 WTF I . -3.72 -7.87 1.52
H191 WTF I . -2.75 -6.22 2.92
H203 WTF I . -0.60 -7.02 1.35
H201 WTF I . -1.44 -5.68 1.22
H202 WTF I . -1.98 -7.02 0.57
H261 WTF I . -3.94 -14.85 0.18
H291 WTF I . -6.32 -13.27 -2.75
H301 WTF I . -5.82 -11.11 -1.99
C13 TON J . -9.89 -7.13 25.63
C14 TON J . -8.70 -6.70 26.21
C15 TON J . -8.73 -5.87 27.34
O1 TON J . -7.53 -5.39 27.97
C1 TON J . -6.28 -5.94 27.53
C2 TON J . -5.28 -5.90 28.70
O2 TON J . -4.67 -4.62 28.78
C3 TON J . -3.50 -4.56 29.59
C4 TON J . -2.42 -3.69 28.89
O3 TON J . -1.45 -4.53 28.31
C16 TON J . -9.96 -5.49 27.88
C17 TON J . -11.14 -5.92 27.29
C18 TON J . -11.12 -6.74 26.17
C5 TON J . -12.46 -7.22 25.53
C8 TON J . -13.15 -8.10 26.56
C7 TON J . -12.22 -8.09 24.29
C6 TON J . -13.46 -6.03 25.24
C9 TON J . -13.17 -5.02 24.08
C12 TON J . -11.74 -4.52 24.08
C11 TON J . -14.09 -3.81 24.34
C10 TON J . -13.55 -5.59 22.71
H13 TON J . -9.87 -7.68 24.89
H14 TON J . -7.89 -6.95 25.85
H11 TON J . -6.41 -6.85 27.23
H12 TON J . -5.94 -5.40 26.78
H21 TON J . -5.74 -6.10 29.52
H22 TON J . -4.59 -6.57 28.54
H31 TON J . -3.73 -4.17 30.44
H32 TON J . -3.15 -5.45 29.72
H41 TON J . -2.85 -3.15 28.20
H42 TON J . -2.01 -3.11 29.55
HO3 TON J . -1.11 -4.13 27.63
H162 TON J . -9.98 -4.94 28.62
H17 TON J . -11.96 -5.66 27.65
H81 TON J . -13.75 -7.56 27.09
H82 TON J . -12.47 -8.49 27.15
H83 TON J . -13.63 -8.81 26.12
H71 TON J . -11.80 -7.55 23.59
H72 TON J . -13.05 -8.45 23.97
H73 TON J . -11.62 -8.82 24.52
H61 TON J . -13.53 -5.53 26.06
H62 TON J . -14.33 -6.44 25.04
H121 TON J . -11.58 -4.00 23.26
H122 TON J . -11.13 -5.28 24.09
H123 TON J . -11.58 -3.97 24.85
H111 TON J . -13.58 -3.08 24.74
H112 TON J . -14.80 -4.06 24.93
H113 TON J . -14.47 -3.50 23.50
H101 TON J . -13.06 -6.42 22.56
H102 TON J . -13.32 -4.95 22.03
H103 TON J . -14.50 -5.77 22.69
#